data_6QVP
#
_entry.id   6QVP
#
_cell.length_a   58.334
_cell.length_b   58.360
_cell.length_c   65.828
_cell.angle_alpha   93.88
_cell.angle_beta   94.00
_cell.angle_gamma   119.00
#
_symmetry.space_group_name_H-M   'P 1'
#
loop_
_entity.id
_entity.type
_entity.pdbx_description
1 polymer 'Inner membrane protein'
2 non-polymer 'PHOSPHATE ION'
3 water water
#
_entity_poly.entity_id   1
_entity_poly.type   'polypeptide(L)'
_entity_poly.pdbx_seq_one_letter_code
;KTDITSTKNELVITYHGRLRSFSEEDTYKIKAWLEDKINSNLLIE(MSE)VIPQADISFSDSLRLGYERGIIL(MSE)KE
IKKIYPDVVID(MSE)SVNSAASSTTSKAIITTINK
;
_entity_poly.pdbx_strand_id   A,E,C,D,B,F
#
# COMPACT_ATOMS: atom_id res chain seq x y z
N LYS A 1 -7.18 -5.73 16.35
CA LYS A 1 -7.48 -6.63 15.25
C LYS A 1 -6.41 -6.55 14.16
N THR A 2 -5.52 -5.56 14.23
CA THR A 2 -4.28 -5.66 13.47
C THR A 2 -3.67 -7.04 13.73
N ASP A 3 -3.32 -7.77 12.67
CA ASP A 3 -2.86 -9.16 12.76
C ASP A 3 -1.43 -9.27 12.24
N ILE A 4 -0.66 -10.17 12.84
CA ILE A 4 0.70 -10.47 12.41
C ILE A 4 0.76 -11.97 12.13
N THR A 5 1.25 -12.32 10.94
CA THR A 5 1.57 -13.69 10.55
C THR A 5 2.99 -13.71 9.99
N SER A 6 3.70 -14.82 10.19
CA SER A 6 5.08 -14.83 9.75
C SER A 6 5.53 -16.27 9.50
N THR A 7 6.56 -16.38 8.69
CA THR A 7 7.42 -17.55 8.59
C THR A 7 8.84 -17.06 8.86
N LYS A 8 9.80 -17.99 8.81
CA LYS A 8 11.18 -17.58 9.05
C LYS A 8 11.62 -16.46 8.11
N ASN A 9 11.08 -16.43 6.87
CA ASN A 9 11.53 -15.54 5.80
C ASN A 9 10.74 -14.23 5.68
N GLU A 10 9.56 -14.15 6.26
CA GLU A 10 8.64 -13.07 5.91
C GLU A 10 7.66 -12.85 7.04
N LEU A 11 7.41 -11.61 7.38
CA LEU A 11 6.39 -11.26 8.36
C LEU A 11 5.44 -10.24 7.76
N VAL A 12 4.15 -10.47 7.90
CA VAL A 12 3.16 -9.60 7.32
C VAL A 12 2.28 -9.07 8.42
N ILE A 13 2.20 -7.75 8.50
CA ILE A 13 1.29 -7.08 9.41
C ILE A 13 0.06 -6.69 8.62
N THR A 14 -1.10 -7.15 9.05
CA THR A 14 -2.36 -6.67 8.47
C THR A 14 -3.01 -5.70 9.45
N TYR A 15 -3.10 -4.44 9.04
CA TYR A 15 -3.65 -3.37 9.85
C TYR A 15 -5.18 -3.38 9.83
N HIS A 16 -5.76 -3.03 10.97
CA HIS A 16 -7.17 -2.74 11.14
C HIS A 16 -7.34 -1.30 11.64
N GLY A 17 -8.42 -0.64 11.21
CA GLY A 17 -8.72 0.65 11.80
C GLY A 17 -7.74 1.71 11.32
N ARG A 18 -7.47 2.68 12.20
CA ARG A 18 -6.54 3.76 11.88
C ARG A 18 -5.39 3.84 12.87
N LEU A 19 -5.30 2.89 13.80
CA LEU A 19 -4.19 2.86 14.74
C LEU A 19 -2.89 2.74 13.98
N ARG A 20 -1.89 3.50 14.43
CA ARG A 20 -0.59 3.49 13.78
C ARG A 20 0.37 2.48 14.39
N SER A 21 0.08 1.98 15.59
CA SER A 21 1.09 1.24 16.33
C SER A 21 0.52 -0.07 16.85
N PHE A 22 1.27 -0.80 17.66
CA PHE A 22 0.93 -2.17 18.03
C PHE A 22 0.61 -2.36 19.51
N SER A 23 -0.13 -3.43 19.77
CA SER A 23 -0.34 -3.91 21.13
C SER A 23 0.99 -4.39 21.69
N GLU A 24 1.05 -4.55 23.00
CA GLU A 24 2.25 -5.12 23.59
C GLU A 24 2.55 -6.48 22.98
N GLU A 25 1.50 -7.26 22.72
CA GLU A 25 1.67 -8.61 22.21
C GLU A 25 2.25 -8.62 20.80
N ASP A 26 1.79 -7.73 19.94
CA ASP A 26 2.31 -7.70 18.57
C ASP A 26 3.75 -7.21 18.55
N THR A 27 4.10 -6.31 19.47
CA THR A 27 5.50 -5.95 19.65
C THR A 27 6.37 -7.17 19.96
N TYR A 28 5.91 -8.03 20.89
CA TYR A 28 6.69 -9.24 21.19
C TYR A 28 6.83 -10.14 19.96
N LYS A 29 5.78 -10.29 19.17
CA LYS A 29 5.87 -11.14 17.98
C LYS A 29 6.93 -10.63 17.04
N ILE A 30 6.96 -9.33 16.80
CA ILE A 30 7.95 -8.75 15.90
C ILE A 30 9.34 -9.02 16.45
N LYS A 31 9.53 -8.74 17.74
CA LYS A 31 10.82 -9.01 18.38
C LYS A 31 11.21 -10.48 18.25
N ALA A 32 10.26 -11.40 18.45
CA ALA A 32 10.61 -12.80 18.31
C ALA A 32 11.01 -13.13 16.87
N TRP A 33 10.32 -12.54 15.87
CA TRP A 33 10.71 -12.79 14.48
C TRP A 33 12.09 -12.22 14.14
N LEU A 34 12.46 -11.09 14.73
CA LEU A 34 13.75 -10.48 14.46
C LEU A 34 14.94 -11.21 15.11
N GLU A 35 14.71 -12.16 16.01
CA GLU A 35 15.81 -12.70 16.83
C GLU A 35 16.87 -13.40 16.00
N ASP A 36 16.50 -14.12 14.95
CA ASP A 36 17.50 -14.77 14.09
C ASP A 36 17.86 -13.93 12.87
N LYS A 37 17.58 -12.62 12.89
CA LYS A 37 17.85 -11.71 11.76
C LYS A 37 19.02 -10.76 12.02
N ILE A 38 19.82 -10.97 13.06
CA ILE A 38 20.88 -10.00 13.34
C ILE A 38 21.83 -9.88 12.15
N ASN A 39 21.99 -10.95 11.36
CA ASN A 39 22.85 -10.88 10.19
C ASN A 39 22.10 -10.54 8.93
N SER A 40 21.07 -9.69 8.97
CA SER A 40 20.26 -9.39 7.80
C SER A 40 20.02 -7.90 7.67
N ASN A 41 19.93 -7.45 6.43
CA ASN A 41 19.19 -6.23 6.11
C ASN A 41 17.71 -6.58 5.95
N LEU A 42 16.85 -5.56 6.00
CA LEU A 42 15.41 -5.75 5.91
C LEU A 42 14.82 -4.91 4.78
N LEU A 43 13.76 -5.42 4.17
CA LEU A 43 12.92 -4.70 3.22
C LEU A 43 11.52 -4.64 3.78
N ILE A 44 10.95 -3.43 3.79
CA ILE A 44 9.54 -3.21 4.14
C ILE A 44 8.80 -2.68 2.92
N GLU A 45 7.66 -3.27 2.64
CA GLU A 45 6.78 -2.73 1.61
C GLU A 45 5.47 -2.42 2.30
N VAL A 47 1.78 -1.66 1.87
CA VAL A 47 0.79 -1.84 0.82
C VAL A 47 -0.51 -1.14 1.20
N ILE A 48 -0.93 -0.22 0.34
CA ILE A 48 -1.99 0.75 0.67
C ILE A 48 -3.13 0.64 -0.34
N PRO A 49 -4.24 0.02 0.03
CA PRO A 49 -5.41 0.00 -0.86
C PRO A 49 -5.89 1.38 -1.24
N GLN A 50 -6.51 1.46 -2.42
CA GLN A 50 -6.89 2.74 -2.99
C GLN A 50 -8.27 3.13 -2.48
N ALA A 51 -8.34 4.21 -1.72
CA ALA A 51 -9.65 4.76 -1.37
C ALA A 51 -10.15 5.59 -2.54
N ASP A 52 -11.43 5.41 -2.88
CA ASP A 52 -12.03 6.17 -3.98
C ASP A 52 -11.92 7.68 -3.78
N ILE A 53 -12.20 8.16 -2.58
CA ILE A 53 -12.27 9.59 -2.36
C ILE A 53 -11.03 10.01 -1.59
N SER A 54 -10.87 9.44 -0.40
CA SER A 54 -9.87 9.91 0.57
C SER A 54 -8.53 9.17 0.47
N PHE A 55 -8.00 9.00 -0.74
CA PHE A 55 -6.71 8.35 -0.90
C PHE A 55 -5.57 9.19 -0.32
N SER A 56 -5.68 10.52 -0.25
CA SER A 56 -4.55 11.24 0.37
C SER A 56 -4.39 10.81 1.84
N ASP A 57 -5.52 10.63 2.51
CA ASP A 57 -5.50 10.27 3.92
C ASP A 57 -4.96 8.87 4.10
N SER A 58 -5.54 7.89 3.43
CA SER A 58 -4.99 6.53 3.44
C SER A 58 -3.49 6.50 3.11
N LEU A 59 -3.04 7.23 2.10
CA LEU A 59 -1.62 7.21 1.77
C LEU A 59 -0.76 7.76 2.90
N ARG A 60 -1.15 8.89 3.48
CA ARG A 60 -0.41 9.43 4.63
C ARG A 60 -0.44 8.49 5.85
N LEU A 61 -1.53 7.79 6.05
CA LEU A 61 -1.60 6.81 7.12
C LEU A 61 -0.53 5.73 6.94
N GLY A 62 -0.30 5.29 5.70
CA GLY A 62 0.71 4.26 5.49
C GLY A 62 2.11 4.81 5.72
N TYR A 63 2.36 6.05 5.28
CA TYR A 63 3.58 6.75 5.62
C TYR A 63 3.81 6.73 7.13
N GLU A 64 2.77 7.03 7.89
CA GLU A 64 2.94 7.19 9.32
C GLU A 64 3.20 5.83 9.95
N ARG A 65 2.49 4.84 9.48
CA ARG A 65 2.66 3.47 9.98
C ARG A 65 4.05 2.97 9.69
N GLY A 66 4.68 3.40 8.58
CA GLY A 66 6.02 2.97 8.28
C GLY A 66 7.03 3.66 9.18
N ILE A 67 6.74 4.89 9.58
CA ILE A 67 7.54 5.56 10.60
C ILE A 67 7.54 4.76 11.88
N ILE A 68 6.36 4.35 12.31
CA ILE A 68 6.26 3.61 13.57
C ILE A 68 6.94 2.27 13.46
N LEU A 69 6.79 1.61 12.30
CA LEU A 69 7.29 0.26 12.18
C LEU A 69 8.81 0.26 12.18
N LYS A 71 10.54 2.50 13.58
CA LYS A 71 10.94 2.82 14.94
C LYS A 71 10.98 1.55 15.77
N GLU A 72 9.95 0.72 15.63
CA GLU A 72 9.84 -0.44 16.48
C GLU A 72 10.94 -1.44 16.17
N ILE A 73 11.28 -1.62 14.88
CA ILE A 73 12.34 -2.55 14.50
C ILE A 73 13.67 -2.10 15.10
N LYS A 74 14.02 -0.84 14.90
CA LYS A 74 15.25 -0.31 15.44
C LYS A 74 15.30 -0.28 16.98
N LYS A 75 14.17 -0.31 17.69
CA LYS A 75 14.26 -0.55 19.13
C LYS A 75 14.99 -1.85 19.42
N ILE A 76 14.66 -2.88 18.65
CA ILE A 76 15.23 -4.20 18.84
C ILE A 76 16.64 -4.23 18.27
N TYR A 77 16.82 -3.64 17.09
CA TYR A 77 17.95 -3.93 16.21
C TYR A 77 18.45 -2.58 15.72
N PRO A 78 19.20 -1.88 16.55
CA PRO A 78 19.48 -0.45 16.30
C PRO A 78 20.21 -0.14 15.00
N ASP A 79 21.12 -1.00 14.60
CA ASP A 79 21.99 -0.77 13.45
C ASP A 79 21.45 -1.37 12.15
N VAL A 80 20.25 -1.96 12.15
CA VAL A 80 19.72 -2.57 10.95
C VAL A 80 19.53 -1.52 9.85
N VAL A 81 19.73 -1.93 8.61
CA VAL A 81 19.41 -1.08 7.47
C VAL A 81 18.13 -1.60 6.82
N ILE A 82 17.20 -0.68 6.59
CA ILE A 82 15.87 -1.01 6.08
C ILE A 82 15.71 -0.36 4.71
N ASP A 83 15.27 -1.14 3.72
CA ASP A 83 14.83 -0.58 2.43
C ASP A 83 13.31 -0.42 2.48
N SER A 85 9.71 0.51 0.75
CA SER A 85 8.97 0.64 -0.49
C SER A 85 7.47 0.78 -0.20
N VAL A 86 6.76 1.35 -1.19
CA VAL A 86 5.33 1.58 -1.08
C VAL A 86 4.67 1.08 -2.36
N ASN A 87 3.54 0.42 -2.22
CA ASN A 87 2.70 0.07 -3.37
C ASN A 87 1.24 0.35 -3.05
N SER A 88 0.57 1.15 -3.91
CA SER A 88 -0.88 1.44 -3.81
C SER A 88 -1.46 1.10 -5.18
N ALA A 89 -1.89 -0.15 -5.33
CA ALA A 89 -2.32 -0.70 -6.61
C ALA A 89 -3.84 -0.87 -6.61
N ALA A 90 -4.45 -0.93 -7.79
CA ALA A 90 -5.88 -1.21 -7.87
C ALA A 90 -6.25 -2.55 -7.27
N SER A 91 -5.34 -3.53 -7.31
CA SER A 91 -5.66 -4.87 -6.86
C SER A 91 -5.48 -5.03 -5.34
N SER A 92 -4.83 -4.06 -4.68
CA SER A 92 -4.58 -4.13 -3.24
C SER A 92 -5.87 -4.18 -2.45
N THR A 93 -6.05 -5.24 -1.66
CA THR A 93 -7.24 -5.47 -0.84
C THR A 93 -7.09 -5.20 0.65
N THR A 94 -5.89 -5.22 1.22
CA THR A 94 -5.68 -5.03 2.65
C THR A 94 -4.57 -4.02 2.85
N SER A 95 -4.66 -3.24 3.92
CA SER A 95 -3.55 -2.41 4.35
C SER A 95 -2.58 -3.29 5.13
N LYS A 96 -1.36 -3.38 4.65
CA LYS A 96 -0.42 -4.28 5.29
C LYS A 96 0.99 -3.74 5.12
N ALA A 97 1.88 -4.32 5.90
CA ALA A 97 3.32 -4.09 5.84
C ALA A 97 3.95 -5.47 5.68
N ILE A 98 4.71 -5.67 4.61
CA ILE A 98 5.41 -6.92 4.34
C ILE A 98 6.85 -6.71 4.72
N ILE A 99 7.40 -7.60 5.56
CA ILE A 99 8.80 -7.50 5.99
C ILE A 99 9.56 -8.74 5.53
N THR A 100 10.65 -8.50 4.81
CA THR A 100 11.53 -9.55 4.32
C THR A 100 12.99 -9.20 4.60
N THR A 101 13.87 -10.19 4.49
CA THR A 101 15.28 -9.99 4.80
C THR A 101 16.09 -9.84 3.52
N ILE A 102 17.07 -8.93 3.57
CA ILE A 102 17.94 -8.57 2.45
C ILE A 102 17.09 -7.85 1.40
N LYS B 1 21.11 -2.05 -7.24
CA LYS B 1 21.65 -3.38 -7.01
C LYS B 1 21.03 -4.39 -7.99
N THR B 2 20.00 -3.97 -8.74
CA THR B 2 19.60 -4.74 -9.91
C THR B 2 20.81 -4.85 -10.84
N ASP B 3 21.19 -6.09 -11.20
CA ASP B 3 22.39 -6.40 -11.99
C ASP B 3 21.97 -6.99 -13.33
N ILE B 4 22.74 -6.69 -14.37
CA ILE B 4 22.56 -7.25 -15.69
C ILE B 4 23.82 -8.03 -16.05
N THR B 5 23.64 -9.25 -16.54
CA THR B 5 24.72 -10.05 -17.09
C THR B 5 24.27 -10.63 -18.41
N SER B 6 25.18 -10.73 -19.38
CA SER B 6 24.78 -11.14 -20.71
C SER B 6 25.91 -11.84 -21.43
N THR B 7 25.55 -12.71 -22.33
CA THR B 7 26.38 -13.15 -23.44
C THR B 7 25.69 -12.73 -24.72
N LYS B 8 26.27 -13.09 -25.86
CA LYS B 8 25.63 -12.79 -27.13
C LYS B 8 24.24 -13.41 -27.21
N ASN B 9 24.02 -14.58 -26.60
CA ASN B 9 22.76 -15.31 -26.79
C ASN B 9 21.71 -15.02 -25.73
N GLU B 10 22.10 -14.43 -24.60
CA GLU B 10 21.26 -14.44 -23.40
C GLU B 10 21.55 -13.23 -22.54
N LEU B 11 20.51 -12.55 -22.10
CA LEU B 11 20.66 -11.45 -21.13
C LEU B 11 19.78 -11.71 -19.92
N VAL B 12 20.37 -11.62 -18.74
CA VAL B 12 19.62 -11.92 -17.51
C VAL B 12 19.65 -10.72 -16.59
N ILE B 13 18.47 -10.26 -16.21
CA ILE B 13 18.29 -9.15 -15.29
C ILE B 13 17.96 -9.75 -13.94
N THR B 14 18.82 -9.49 -12.93
CA THR B 14 18.55 -9.92 -11.56
C THR B 14 18.08 -8.73 -10.75
N TYR B 15 16.82 -8.77 -10.34
CA TYR B 15 16.22 -7.63 -9.65
C TYR B 15 16.58 -7.60 -8.19
N HIS B 16 16.71 -6.39 -7.65
CA HIS B 16 16.85 -6.18 -6.23
C HIS B 16 15.74 -5.27 -5.75
N GLY B 17 15.20 -5.55 -4.57
CA GLY B 17 14.25 -4.62 -3.97
C GLY B 17 12.92 -4.72 -4.70
N ARG B 18 12.24 -3.59 -4.84
CA ARG B 18 10.92 -3.60 -5.47
C ARG B 18 10.85 -2.62 -6.64
N LEU B 19 11.98 -2.00 -7.00
CA LEU B 19 11.99 -1.07 -8.12
C LEU B 19 11.59 -1.81 -9.40
N ARG B 20 10.73 -1.17 -10.20
CA ARG B 20 10.25 -1.79 -11.42
C ARG B 20 11.17 -1.60 -12.62
N SER B 21 12.02 -0.59 -12.59
CA SER B 21 12.68 -0.07 -13.79
C SER B 21 14.18 0.06 -13.52
N PHE B 22 14.91 0.69 -14.42
CA PHE B 22 16.35 0.52 -14.51
C PHE B 22 17.08 1.85 -14.37
N SER B 23 18.31 1.81 -13.84
CA SER B 23 19.19 2.95 -13.95
C SER B 23 19.47 3.24 -15.40
N GLU B 24 19.99 4.44 -15.68
CA GLU B 24 20.37 4.73 -17.05
C GLU B 24 21.44 3.78 -17.53
N GLU B 25 22.28 3.33 -16.61
CA GLU B 25 23.38 2.45 -16.99
C GLU B 25 22.84 1.12 -17.49
N ASP B 26 21.84 0.57 -16.80
CA ASP B 26 21.29 -0.71 -17.18
C ASP B 26 20.48 -0.59 -18.47
N THR B 27 19.77 0.53 -18.65
CA THR B 27 19.12 0.80 -19.93
C THR B 27 20.12 0.74 -21.08
N TYR B 28 21.32 1.28 -20.87
CA TYR B 28 22.34 1.25 -21.90
C TYR B 28 22.85 -0.17 -22.19
N LYS B 29 22.93 -1.03 -21.17
CA LYS B 29 23.38 -2.40 -21.40
C LYS B 29 22.38 -3.17 -22.26
N ILE B 30 21.10 -2.97 -21.99
CA ILE B 30 20.07 -3.59 -22.78
C ILE B 30 20.15 -3.11 -24.22
N LYS B 31 20.28 -1.79 -24.39
CA LYS B 31 20.41 -1.26 -25.75
C LYS B 31 21.59 -1.87 -26.47
N ALA B 32 22.76 -1.93 -25.81
CA ALA B 32 23.94 -2.51 -26.44
C ALA B 32 23.76 -4.00 -26.73
N TRP B 33 23.01 -4.75 -25.90
CA TRP B 33 22.81 -6.17 -26.16
C TRP B 33 21.88 -6.39 -27.34
N LEU B 34 20.92 -5.50 -27.56
CA LEU B 34 19.96 -5.60 -28.66
C LEU B 34 20.54 -5.20 -30.02
N GLU B 35 21.79 -4.74 -30.08
CA GLU B 35 22.32 -4.19 -31.34
C GLU B 35 22.37 -5.24 -32.45
N ASP B 36 22.80 -6.46 -32.15
CA ASP B 36 22.95 -7.49 -33.16
C ASP B 36 21.71 -8.39 -33.27
N LYS B 37 20.58 -7.95 -32.74
CA LYS B 37 19.34 -8.72 -32.71
C LYS B 37 18.30 -8.16 -33.67
N ILE B 38 18.70 -7.25 -34.56
CA ILE B 38 17.74 -6.62 -35.47
C ILE B 38 16.88 -7.67 -36.15
N ASN B 39 17.47 -8.81 -36.51
CA ASN B 39 16.74 -9.86 -37.21
C ASN B 39 16.34 -11.00 -36.28
N SER B 40 15.97 -10.67 -35.05
CA SER B 40 15.58 -11.67 -34.08
C SER B 40 14.26 -11.26 -33.46
N ASN B 41 13.41 -12.25 -33.19
CA ASN B 41 12.40 -12.07 -32.16
C ASN B 41 13.02 -12.43 -30.81
N LEU B 42 12.27 -12.17 -29.74
CA LEU B 42 12.80 -12.32 -28.38
C LEU B 42 11.82 -13.12 -27.54
N LEU B 43 12.39 -13.94 -26.65
CA LEU B 43 11.65 -14.56 -25.56
C LEU B 43 12.08 -13.91 -24.25
N ILE B 44 11.10 -13.54 -23.44
CA ILE B 44 11.32 -13.13 -22.05
C ILE B 44 10.66 -14.17 -21.16
N GLU B 45 11.41 -14.67 -20.18
CA GLU B 45 10.78 -15.38 -19.07
C GLU B 45 10.99 -14.61 -17.77
N VAL B 47 10.97 -14.80 -13.94
CA VAL B 47 11.13 -15.82 -12.89
C VAL B 47 10.88 -15.19 -11.54
N ILE B 48 9.97 -15.77 -10.79
CA ILE B 48 9.43 -15.19 -9.58
C ILE B 48 9.47 -16.17 -8.41
N PRO B 49 10.40 -15.98 -7.48
CA PRO B 49 10.44 -16.81 -6.28
C PRO B 49 9.12 -16.77 -5.53
N GLN B 50 8.81 -17.89 -4.91
CA GLN B 50 7.55 -17.99 -4.20
C GLN B 50 7.68 -17.37 -2.81
N ALA B 51 6.89 -16.31 -2.54
CA ALA B 51 6.76 -15.81 -1.19
C ALA B 51 5.81 -16.74 -0.42
N ASP B 52 6.23 -17.09 0.80
CA ASP B 52 5.42 -17.90 1.70
C ASP B 52 4.04 -17.30 1.91
N ILE B 53 3.95 -15.98 2.09
CA ILE B 53 2.69 -15.33 2.42
C ILE B 53 2.20 -14.42 1.27
N SER B 54 2.99 -13.41 0.92
N SER B 54 2.99 -13.41 0.92
CA SER B 54 2.56 -12.39 -0.05
CA SER B 54 2.55 -12.40 -0.06
C SER B 54 2.96 -12.74 -1.50
C SER B 54 2.96 -12.74 -1.50
N PHE B 55 2.68 -13.97 -1.91
CA PHE B 55 2.92 -14.34 -3.28
C PHE B 55 2.02 -13.56 -4.25
N SER B 56 0.81 -13.13 -3.87
CA SER B 56 0.08 -12.30 -4.83
C SER B 56 0.86 -11.05 -5.17
N ASP B 57 1.48 -10.43 -4.16
CA ASP B 57 2.21 -9.20 -4.40
C ASP B 57 3.43 -9.44 -5.27
N SER B 58 4.20 -10.46 -4.93
CA SER B 58 5.36 -10.85 -5.73
C SER B 58 4.96 -11.16 -7.18
N LEU B 59 3.90 -11.91 -7.38
CA LEU B 59 3.49 -12.19 -8.75
C LEU B 59 3.19 -10.92 -9.52
N ARG B 60 2.41 -9.99 -8.92
CA ARG B 60 2.03 -8.76 -9.61
C ARG B 60 3.24 -7.88 -9.90
N LEU B 61 4.24 -7.89 -9.02
CA LEU B 61 5.45 -7.13 -9.29
C LEU B 61 6.18 -7.69 -10.50
N GLY B 62 6.24 -9.00 -10.59
CA GLY B 62 6.71 -9.63 -11.85
C GLY B 62 5.94 -9.18 -13.09
N TYR B 63 4.60 -9.20 -13.04
CA TYR B 63 3.82 -8.67 -14.16
C TYR B 63 4.24 -7.22 -14.52
N GLU B 64 4.34 -6.37 -13.50
CA GLU B 64 4.67 -4.97 -13.72
C GLU B 64 6.06 -4.81 -14.30
N ARG B 65 7.00 -5.59 -13.80
CA ARG B 65 8.37 -5.54 -14.33
C ARG B 65 8.41 -5.99 -15.79
N GLY B 66 7.58 -6.97 -16.15
CA GLY B 66 7.47 -7.35 -17.55
C GLY B 66 6.96 -6.21 -18.42
N ILE B 67 6.02 -5.42 -17.89
CA ILE B 67 5.50 -4.29 -18.63
C ILE B 67 6.61 -3.29 -18.90
N ILE B 68 7.39 -2.97 -17.88
CA ILE B 68 8.47 -2.00 -18.03
C ILE B 68 9.52 -2.55 -19.00
N LEU B 69 9.90 -3.82 -18.85
CA LEU B 69 10.95 -4.37 -19.68
C LEU B 69 10.55 -4.38 -21.15
N LYS B 71 8.44 -2.37 -22.49
CA LYS B 71 8.48 -0.97 -22.92
C LYS B 71 9.89 -0.56 -23.30
N GLU B 72 10.87 -0.91 -22.48
CA GLU B 72 12.24 -0.46 -22.74
C GLU B 72 12.80 -1.10 -24.01
N ILE B 73 12.53 -2.39 -24.21
CA ILE B 73 12.97 -3.08 -25.44
C ILE B 73 12.40 -2.38 -26.67
N LYS B 74 11.11 -2.10 -26.66
CA LYS B 74 10.48 -1.51 -27.83
C LYS B 74 10.89 -0.05 -28.07
N LYS B 75 11.35 0.68 -27.05
CA LYS B 75 11.96 2.00 -27.30
C LYS B 75 13.09 1.90 -28.30
N ILE B 76 13.94 0.89 -28.10
CA ILE B 76 15.10 0.68 -28.95
C ILE B 76 14.69 -0.03 -30.25
N TYR B 77 13.69 -0.89 -30.19
CA TYR B 77 13.41 -1.87 -31.24
C TYR B 77 11.91 -1.93 -31.45
N PRO B 78 11.33 -0.88 -32.03
CA PRO B 78 9.87 -0.68 -31.96
C PRO B 78 8.99 -1.84 -32.40
N ASP B 79 9.33 -2.55 -33.48
CA ASP B 79 8.43 -3.57 -34.00
C ASP B 79 8.90 -4.99 -33.69
N VAL B 80 9.74 -5.16 -32.66
CA VAL B 80 10.17 -6.51 -32.30
C VAL B 80 8.98 -7.33 -31.83
N VAL B 81 9.08 -8.65 -32.03
CA VAL B 81 8.10 -9.61 -31.54
C VAL B 81 8.68 -10.27 -30.29
N ILE B 82 7.89 -10.29 -29.22
CA ILE B 82 8.31 -10.80 -27.92
C ILE B 82 7.33 -11.88 -27.48
N ASP B 83 7.84 -13.05 -27.14
CA ASP B 83 7.06 -14.08 -26.47
C ASP B 83 7.29 -13.94 -24.96
N SER B 85 6.76 -15.30 -21.05
CA SER B 85 6.36 -16.42 -20.19
C SER B 85 6.72 -16.12 -18.75
N VAL B 86 6.10 -16.88 -17.85
CA VAL B 86 6.26 -16.68 -16.43
C VAL B 86 6.55 -18.03 -15.80
N ASN B 87 7.47 -18.05 -14.84
CA ASN B 87 7.66 -19.22 -14.00
C ASN B 87 7.79 -18.87 -12.52
N SER B 88 6.99 -19.52 -11.66
CA SER B 88 7.09 -19.29 -10.22
C SER B 88 7.16 -20.67 -9.58
N ALA B 89 8.37 -21.13 -9.38
CA ALA B 89 8.62 -22.52 -9.02
C ALA B 89 9.20 -22.57 -7.61
N ALA B 90 9.01 -23.71 -6.94
CA ALA B 90 9.54 -23.87 -5.58
C ALA B 90 11.05 -23.71 -5.55
N SER B 91 11.72 -24.00 -6.66
CA SER B 91 13.17 -23.93 -6.79
C SER B 91 13.68 -22.56 -7.21
N SER B 92 12.81 -21.60 -7.57
CA SER B 92 13.28 -20.28 -7.97
C SER B 92 13.85 -19.54 -6.75
N THR B 93 15.12 -19.11 -6.83
CA THR B 93 15.79 -18.39 -5.74
C THR B 93 15.96 -16.89 -6.01
N THR B 94 16.02 -16.43 -7.27
CA THR B 94 16.15 -15.01 -7.57
C THR B 94 14.98 -14.51 -8.43
N SER B 95 14.63 -13.22 -8.25
CA SER B 95 13.73 -12.50 -9.15
C SER B 95 14.55 -12.03 -10.34
N LYS B 96 14.23 -12.53 -11.52
CA LYS B 96 15.03 -12.15 -12.66
C LYS B 96 14.17 -12.17 -13.92
N ALA B 97 14.70 -11.56 -14.98
CA ALA B 97 14.13 -11.68 -16.31
C ALA B 97 15.20 -12.26 -17.22
N ILE B 98 14.87 -13.37 -17.90
CA ILE B 98 15.76 -14.02 -18.87
C ILE B 98 15.30 -13.60 -20.26
N ILE B 99 16.21 -13.05 -21.05
CA ILE B 99 15.93 -12.66 -22.43
C ILE B 99 16.81 -13.48 -23.39
N THR B 100 16.17 -14.08 -24.39
CA THR B 100 16.82 -14.86 -25.41
C THR B 100 16.18 -14.53 -26.75
N THR B 101 16.83 -15.01 -27.82
CA THR B 101 16.53 -14.67 -29.21
C THR B 101 15.86 -15.83 -29.92
N ILE B 102 15.52 -15.60 -31.18
CA ILE B 102 15.01 -16.66 -32.05
C ILE B 102 15.46 -16.38 -33.49
N ASN B 103 14.91 -17.13 -34.44
CA ASN B 103 15.31 -17.07 -35.85
C ASN B 103 14.90 -15.78 -36.56
N LYS B 104 13.61 -15.63 -36.85
CA LYS B 104 13.12 -14.53 -37.68
C LYS B 104 13.40 -13.16 -37.08
N LYS C 1 -23.75 24.49 3.19
CA LYS C 1 -22.66 24.36 2.23
C LYS C 1 -21.79 23.16 2.61
N THR C 2 -22.12 22.52 3.73
CA THR C 2 -21.58 21.19 4.00
C THR C 2 -21.95 20.28 2.83
N ASP C 3 -20.96 19.58 2.26
CA ASP C 3 -21.12 18.76 1.07
C ASP C 3 -20.94 17.29 1.44
N ILE C 4 -21.73 16.42 0.81
CA ILE C 4 -21.61 14.98 0.99
C ILE C 4 -21.34 14.36 -0.38
N THR C 5 -20.27 13.55 -0.47
CA THR C 5 -19.89 12.83 -1.68
C THR C 5 -19.63 11.40 -1.28
N SER C 6 -20.04 10.45 -2.11
CA SER C 6 -19.90 9.05 -1.74
C SER C 6 -19.77 8.16 -2.97
N THR C 7 -19.24 6.95 -2.72
CA THR C 7 -19.28 5.78 -3.55
C THR C 7 -19.85 4.67 -2.67
N LYS C 8 -20.00 3.50 -3.27
CA LYS C 8 -20.54 2.36 -2.57
C LYS C 8 -19.80 2.12 -1.27
N ASN C 9 -18.48 2.38 -1.25
CA ASN C 9 -17.56 1.97 -0.20
C ASN C 9 -17.24 3.08 0.80
N GLU C 10 -17.39 4.36 0.45
CA GLU C 10 -17.05 5.42 1.37
C GLU C 10 -17.92 6.66 1.14
N LEU C 11 -18.34 7.26 2.25
CA LEU C 11 -19.05 8.53 2.22
C LEU C 11 -18.23 9.59 2.92
N VAL C 12 -18.07 10.76 2.29
CA VAL C 12 -17.25 11.80 2.85
C VAL C 12 -18.09 13.04 3.03
N ILE C 13 -18.12 13.53 4.28
CA ILE C 13 -18.81 14.76 4.68
C ILE C 13 -17.77 15.86 4.77
N THR C 14 -17.95 16.92 3.98
CA THR C 14 -17.07 18.08 4.03
C THR C 14 -17.85 19.21 4.66
N TYR C 15 -17.45 19.56 5.89
CA TYR C 15 -18.11 20.58 6.67
C TYR C 15 -17.77 21.98 6.22
N HIS C 16 -18.75 22.87 6.37
CA HIS C 16 -18.60 24.30 6.19
C HIS C 16 -19.05 24.99 7.45
N GLY C 17 -18.40 26.10 7.80
CA GLY C 17 -18.93 26.90 8.91
C GLY C 17 -18.68 26.16 10.22
N ARG C 18 -19.54 26.42 11.21
CA ARG C 18 -19.42 25.72 12.48
C ARG C 18 -20.68 24.93 12.80
N LEU C 19 -21.56 24.72 11.83
CA LEU C 19 -22.75 23.92 12.10
C LEU C 19 -22.33 22.49 12.45
N ARG C 20 -22.99 21.91 13.45
CA ARG C 20 -22.66 20.56 13.89
C ARG C 20 -23.41 19.46 13.14
N SER C 21 -24.57 19.76 12.60
CA SER C 21 -25.52 18.79 12.11
C SER C 21 -25.84 19.11 10.65
N PHE C 22 -26.86 18.46 10.12
CA PHE C 22 -27.05 18.43 8.67
C PHE C 22 -28.42 18.95 8.28
N SER C 23 -28.53 19.32 7.01
CA SER C 23 -29.81 19.63 6.40
C SER C 23 -30.65 18.37 6.29
N GLU C 24 -31.95 18.55 6.00
CA GLU C 24 -32.81 17.41 5.77
C GLU C 24 -32.32 16.61 4.56
N GLU C 25 -31.92 17.31 3.51
CA GLU C 25 -31.41 16.64 2.32
C GLU C 25 -30.17 15.81 2.63
N ASP C 26 -29.15 16.41 3.28
CA ASP C 26 -27.94 15.68 3.64
C ASP C 26 -28.28 14.46 4.51
N THR C 27 -29.28 14.59 5.39
CA THR C 27 -29.70 13.44 6.18
C THR C 27 -30.23 12.30 5.28
N TYR C 28 -30.98 12.64 4.23
CA TYR C 28 -31.48 11.58 3.34
C TYR C 28 -30.33 10.91 2.60
N LYS C 29 -29.31 11.67 2.22
CA LYS C 29 -28.15 11.08 1.52
C LYS C 29 -27.45 10.08 2.40
N ILE C 30 -27.22 10.42 3.66
CA ILE C 30 -26.58 9.47 4.56
C ILE C 30 -27.43 8.22 4.64
N LYS C 31 -28.74 8.39 4.78
CA LYS C 31 -29.66 7.25 4.86
C LYS C 31 -29.58 6.39 3.60
N ALA C 32 -29.57 7.01 2.42
CA ALA C 32 -29.47 6.23 1.18
C ALA C 32 -28.13 5.48 1.12
N TRP C 33 -27.05 6.10 1.61
CA TRP C 33 -25.76 5.41 1.60
C TRP C 33 -25.75 4.21 2.54
N LEU C 34 -26.39 4.33 3.69
CA LEU C 34 -26.48 3.27 4.66
C LEU C 34 -27.35 2.10 4.25
N GLU C 35 -28.19 2.23 3.22
CA GLU C 35 -29.22 1.21 2.95
C GLU C 35 -28.61 -0.16 2.67
N ASP C 36 -27.55 -0.24 1.88
CA ASP C 36 -26.96 -1.53 1.56
C ASP C 36 -25.90 -1.97 2.59
N LYS C 37 -25.83 -1.31 3.75
CA LYS C 37 -24.81 -1.54 4.76
C LYS C 37 -25.34 -2.25 6.00
N ILE C 38 -26.48 -2.93 5.90
CA ILE C 38 -27.06 -3.55 7.08
C ILE C 38 -26.10 -4.56 7.69
N ASN C 39 -25.38 -5.31 6.87
CA ASN C 39 -24.45 -6.31 7.38
C ASN C 39 -23.02 -5.80 7.41
N SER C 40 -22.83 -4.56 7.88
CA SER C 40 -21.52 -3.94 7.91
C SER C 40 -21.33 -3.19 9.21
N ASN C 41 -20.08 -3.11 9.63
CA ASN C 41 -19.63 -2.17 10.65
C ASN C 41 -19.04 -0.95 9.95
N LEU C 42 -18.89 0.13 10.70
CA LEU C 42 -18.47 1.40 10.13
C LEU C 42 -17.26 1.92 10.87
N LEU C 43 -16.35 2.56 10.14
CA LEU C 43 -15.30 3.37 10.72
C LEU C 43 -15.54 4.83 10.31
N ILE C 44 -15.49 5.72 11.29
CA ILE C 44 -15.48 7.17 11.06
C ILE C 44 -14.12 7.71 11.45
N GLU C 45 -13.53 8.48 10.57
CA GLU C 45 -12.38 9.29 10.91
C GLU C 45 -12.79 10.75 10.78
N VAL C 47 -11.48 14.31 10.48
CA VAL C 47 -10.26 15.01 10.07
C VAL C 47 -10.40 16.50 10.33
N ILE C 48 -9.44 17.07 11.05
CA ILE C 48 -9.54 18.39 11.65
C ILE C 48 -8.32 19.21 11.27
N PRO C 49 -8.45 20.17 10.37
CA PRO C 49 -7.32 21.03 10.05
C PRO C 49 -6.81 21.74 11.29
N GLN C 50 -5.52 22.06 11.27
CA GLN C 50 -4.82 22.67 12.39
C GLN C 50 -5.00 24.18 12.35
N ALA C 51 -5.74 24.70 13.30
CA ALA C 51 -5.83 26.15 13.46
C ALA C 51 -4.54 26.63 14.12
N ASP C 52 -4.00 27.73 13.60
CA ASP C 52 -2.78 28.31 14.15
C ASP C 52 -2.95 28.69 15.62
N ILE C 53 -4.10 29.25 15.98
CA ILE C 53 -4.29 29.77 17.32
C ILE C 53 -5.35 28.97 18.06
N SER C 54 -6.55 28.91 17.47
CA SER C 54 -7.74 28.31 18.06
C SER C 54 -7.87 26.79 17.88
N PHE C 55 -6.77 26.02 17.95
CA PHE C 55 -6.88 24.59 17.70
C PHE C 55 -7.70 23.88 18.77
N SER C 56 -7.74 24.39 20.01
CA SER C 56 -8.63 23.77 20.99
C SER C 56 -10.08 23.83 20.53
N ASP C 57 -10.49 24.96 19.94
CA ASP C 57 -11.88 25.13 19.55
C ASP C 57 -12.22 24.23 18.37
N SER C 58 -11.38 24.24 17.36
CA SER C 58 -11.55 23.33 16.23
C SER C 58 -11.58 21.88 16.68
N LEU C 59 -10.73 21.51 17.59
CA LEU C 59 -10.73 20.09 17.97
C LEU C 59 -12.01 19.71 18.69
N ARG C 60 -12.50 20.55 19.61
CA ARG C 60 -13.78 20.22 20.25
C ARG C 60 -14.95 20.26 19.26
N LEU C 61 -14.88 21.12 18.24
CA LEU C 61 -15.91 21.14 17.22
C LEU C 61 -15.93 19.83 16.47
N GLY C 62 -14.76 19.27 16.21
CA GLY C 62 -14.70 17.93 15.64
C GLY C 62 -15.28 16.88 16.57
N TYR C 63 -14.96 16.93 17.86
CA TYR C 63 -15.58 16.00 18.81
C TYR C 63 -17.12 16.10 18.77
N GLU C 64 -17.66 17.32 18.77
CA GLU C 64 -19.10 17.48 18.81
C GLU C 64 -19.74 16.96 17.54
N ARG C 65 -19.15 17.25 16.40
CA ARG C 65 -19.71 16.75 15.15
C ARG C 65 -19.71 15.21 15.12
N GLY C 66 -18.71 14.58 15.72
CA GLY C 66 -18.69 13.12 15.75
C GLY C 66 -19.78 12.58 16.61
N ILE C 67 -20.13 13.30 17.69
CA ILE C 67 -21.29 12.93 18.51
C ILE C 67 -22.58 12.97 17.69
N ILE C 68 -22.74 14.03 16.91
CA ILE C 68 -23.95 14.21 16.11
C ILE C 68 -23.99 13.17 15.00
N LEU C 69 -22.89 12.99 14.28
CA LEU C 69 -22.85 12.00 13.20
C LEU C 69 -23.18 10.60 13.71
N LYS C 71 -24.97 9.89 16.31
CA LYS C 71 -26.40 9.91 16.58
C LYS C 71 -27.18 9.70 15.29
N GLU C 72 -26.81 10.41 14.23
CA GLU C 72 -27.60 10.37 13.02
C GLU C 72 -27.53 9.00 12.36
N ILE C 73 -26.35 8.38 12.35
CA ILE C 73 -26.21 7.03 11.80
C ILE C 73 -27.09 6.04 12.57
N LYS C 74 -27.04 6.11 13.90
CA LYS C 74 -27.81 5.16 14.71
C LYS C 74 -29.32 5.45 14.73
N LYS C 75 -29.76 6.65 14.37
CA LYS C 75 -31.18 6.79 14.02
C LYS C 75 -31.59 5.79 12.96
N ILE C 76 -30.73 5.59 11.97
CA ILE C 76 -31.06 4.76 10.82
C ILE C 76 -30.72 3.30 11.06
N TYR C 77 -29.80 3.03 11.98
CA TYR C 77 -29.13 1.74 12.06
C TYR C 77 -28.74 1.55 13.53
N PRO C 78 -29.73 1.23 14.38
CA PRO C 78 -29.52 1.33 15.84
C PRO C 78 -28.40 0.45 16.38
N ASP C 79 -28.23 -0.75 15.84
CA ASP C 79 -27.28 -1.73 16.36
C ASP C 79 -25.94 -1.69 15.63
N VAL C 80 -25.73 -0.72 14.74
CA VAL C 80 -24.43 -0.59 14.09
C VAL C 80 -23.34 -0.46 15.15
N VAL C 81 -22.18 -1.02 14.87
CA VAL C 81 -20.98 -0.71 15.63
C VAL C 81 -20.11 0.20 14.78
N ILE C 82 -19.60 1.24 15.43
CA ILE C 82 -18.80 2.29 14.80
C ILE C 82 -17.46 2.32 15.53
N ASP C 83 -16.38 2.33 14.78
CA ASP C 83 -15.07 2.63 15.33
C ASP C 83 -14.82 4.10 15.01
N SER C 85 -12.22 7.41 14.91
CA SER C 85 -10.83 7.80 14.74
C SER C 85 -10.78 9.32 14.54
N VAL C 86 -9.73 9.96 15.02
CA VAL C 86 -9.50 11.39 14.80
C VAL C 86 -8.12 11.54 14.19
N ASN C 87 -7.97 12.49 13.28
CA ASN C 87 -6.64 12.89 12.82
C ASN C 87 -6.60 14.40 12.60
N SER C 88 -5.59 15.08 13.17
CA SER C 88 -5.40 16.52 13.07
C SER C 88 -3.96 16.67 12.64
N ALA C 89 -3.75 16.75 11.33
CA ALA C 89 -2.41 16.64 10.81
C ALA C 89 -2.06 17.95 10.16
N ALA C 90 -0.76 18.24 10.05
CA ALA C 90 -0.29 19.47 9.37
C ALA C 90 -0.77 19.55 7.93
N SER C 91 -0.94 18.39 7.27
CA SER C 91 -1.36 18.35 5.88
C SER C 91 -2.89 18.40 5.73
N SER C 92 -3.66 18.31 6.80
CA SER C 92 -5.13 18.39 6.74
C SER C 92 -5.57 19.76 6.19
N THR C 93 -6.27 19.79 5.06
CA THR C 93 -6.79 21.05 4.52
C THR C 93 -8.28 21.27 4.68
N THR C 94 -9.10 20.21 4.82
CA THR C 94 -10.53 20.40 5.00
C THR C 94 -10.98 19.74 6.28
N SER C 95 -12.06 20.27 6.88
CA SER C 95 -12.77 19.66 8.00
C SER C 95 -13.75 18.64 7.42
N LYS C 96 -13.54 17.34 7.67
CA LYS C 96 -14.41 16.34 7.08
C LYS C 96 -14.58 15.13 8.00
N ALA C 97 -15.60 14.34 7.71
CA ALA C 97 -15.78 13.03 8.30
C ALA C 97 -15.75 12.01 7.18
N ILE C 98 -14.87 11.01 7.30
CA ILE C 98 -14.72 9.91 6.35
C ILE C 98 -15.41 8.69 6.95
N ILE C 99 -16.40 8.13 6.23
CA ILE C 99 -17.15 6.95 6.68
C ILE C 99 -16.85 5.79 5.74
N THR C 100 -16.44 4.67 6.33
CA THR C 100 -16.16 3.46 5.57
C THR C 100 -16.72 2.27 6.31
N THR C 101 -16.76 1.12 5.63
CA THR C 101 -17.35 -0.08 6.23
C THR C 101 -16.29 -1.08 6.70
N LYS D 1 0.27 10.01 39.30
CA LYS D 1 0.36 8.61 38.90
C LYS D 1 0.56 8.51 37.38
N THR D 2 0.02 9.47 36.63
CA THR D 2 0.41 9.61 35.23
C THR D 2 1.93 9.57 35.12
N ASP D 3 2.44 8.77 34.19
CA ASP D 3 3.86 8.46 34.09
C ASP D 3 4.38 8.88 32.72
N ILE D 4 5.58 9.46 32.69
CA ILE D 4 6.28 9.80 31.45
C ILE D 4 7.60 9.06 31.41
N THR D 5 7.83 8.31 30.33
CA THR D 5 9.14 7.72 30.06
C THR D 5 9.54 8.05 28.62
N SER D 6 10.84 8.11 28.37
CA SER D 6 11.27 8.43 27.02
C SER D 6 12.67 7.90 26.77
N THR D 7 12.96 7.73 25.49
CA THR D 7 14.27 7.45 24.91
C THR D 7 14.59 8.59 23.94
N LYS D 8 15.69 8.47 23.21
CA LYS D 8 16.13 9.62 22.42
C LYS D 8 15.03 10.11 21.48
N ASN D 9 14.34 9.20 20.81
CA ASN D 9 13.35 9.59 19.82
C ASN D 9 11.90 9.18 20.13
N GLU D 10 11.60 8.72 21.33
CA GLU D 10 10.23 8.39 21.68
C GLU D 10 9.96 8.86 23.09
N LEU D 11 8.79 9.45 23.29
CA LEU D 11 8.27 9.81 24.60
C LEU D 11 6.88 9.24 24.77
N VAL D 12 6.65 8.58 25.90
CA VAL D 12 5.38 7.94 26.19
C VAL D 12 4.83 8.52 27.49
N ILE D 13 3.60 9.00 27.42
CA ILE D 13 2.78 9.37 28.56
C ILE D 13 1.73 8.29 28.74
N THR D 14 1.70 7.69 29.92
CA THR D 14 0.65 6.76 30.31
C THR D 14 -0.24 7.45 31.35
N TYR D 15 -1.50 7.70 31.01
CA TYR D 15 -2.37 8.49 31.86
C TYR D 15 -3.04 7.61 32.90
N HIS D 16 -3.20 8.17 34.08
CA HIS D 16 -3.96 7.54 35.14
C HIS D 16 -4.83 8.59 35.80
N GLY D 17 -6.09 8.25 36.02
CA GLY D 17 -6.99 9.14 36.71
C GLY D 17 -7.71 10.07 35.76
N ARG D 18 -8.16 11.18 36.34
CA ARG D 18 -9.05 12.14 35.68
C ARG D 18 -8.26 13.10 34.80
N LEU D 19 -8.98 13.91 34.01
CA LEU D 19 -8.32 14.93 33.20
C LEU D 19 -7.55 15.86 34.11
N ARG D 20 -6.32 16.16 33.74
CA ARG D 20 -5.49 16.97 34.59
C ARG D 20 -4.43 17.64 33.75
N SER D 21 -4.00 18.82 34.19
CA SER D 21 -2.84 19.44 33.59
C SER D 21 -1.59 18.70 34.07
N PHE D 22 -0.50 18.94 33.38
CA PHE D 22 0.73 18.27 33.77
C PHE D 22 1.25 18.81 35.09
N SER D 23 1.80 17.90 35.89
CA SER D 23 2.57 18.30 37.06
C SER D 23 3.76 19.17 36.64
N GLU D 24 4.27 19.93 37.61
CA GLU D 24 5.53 20.63 37.40
C GLU D 24 6.62 19.67 36.94
N GLU D 25 6.68 18.50 37.54
CA GLU D 25 7.74 17.55 37.18
C GLU D 25 7.52 17.02 35.77
N ASP D 26 6.27 16.73 35.39
CA ASP D 26 5.97 16.29 34.03
C ASP D 26 6.32 17.37 33.00
N THR D 27 6.06 18.63 33.34
CA THR D 27 6.44 19.72 32.48
C THR D 27 7.95 19.78 32.31
N TYR D 28 8.70 19.55 33.40
CA TYR D 28 10.15 19.50 33.28
C TYR D 28 10.56 18.36 32.33
N LYS D 29 9.96 17.19 32.50
CA LYS D 29 10.38 16.04 31.70
C LYS D 29 10.14 16.28 30.22
N ILE D 30 9.01 16.91 29.87
CA ILE D 30 8.71 17.19 28.46
C ILE D 30 9.69 18.22 27.91
N LYS D 31 9.95 19.26 28.68
CA LYS D 31 10.92 20.25 28.28
C LYS D 31 12.31 19.64 28.09
N ALA D 32 12.72 18.76 29.01
CA ALA D 32 14.04 18.17 28.91
C ALA D 32 14.14 17.31 27.66
N TRP D 33 13.07 16.57 27.36
CA TRP D 33 13.07 15.68 26.21
C TRP D 33 13.11 16.48 24.92
N LEU D 34 12.42 17.63 24.89
CA LEU D 34 12.41 18.46 23.70
C LEU D 34 13.69 19.25 23.49
N GLU D 35 14.56 19.34 24.49
CA GLU D 35 15.72 20.24 24.44
C GLU D 35 16.53 20.08 23.16
N ASP D 36 16.77 18.84 22.71
CA ASP D 36 17.58 18.61 21.51
C ASP D 36 16.74 18.37 20.27
N LYS D 37 15.46 18.74 20.31
CA LYS D 37 14.49 18.34 19.29
C LYS D 37 14.02 19.48 18.41
N ILE D 38 14.76 20.60 18.37
CA ILE D 38 14.31 21.72 17.54
C ILE D 38 14.15 21.31 16.08
N ASN D 39 15.00 20.39 15.59
CA ASN D 39 14.95 19.96 14.20
C ASN D 39 14.10 18.71 13.98
N SER D 40 13.22 18.38 14.92
CA SER D 40 12.37 17.22 14.79
C SER D 40 10.93 17.66 14.56
N ASN D 41 10.27 17.00 13.62
CA ASN D 41 8.81 17.03 13.61
C ASN D 41 8.31 15.92 14.52
N LEU D 42 7.07 16.05 14.95
CA LEU D 42 6.52 15.13 15.93
C LEU D 42 5.29 14.42 15.39
N LEU D 43 5.27 13.11 15.55
CA LEU D 43 4.08 12.30 15.31
C LEU D 43 3.54 11.93 16.67
N ILE D 44 2.29 12.32 16.95
CA ILE D 44 1.67 12.05 18.23
C ILE D 44 0.51 11.11 18.02
N GLU D 45 0.45 10.07 18.85
CA GLU D 45 -0.67 9.13 18.82
C GLU D 45 -1.33 9.18 20.19
N VAL D 47 -3.89 7.30 22.31
CA VAL D 47 -4.45 5.96 22.25
C VAL D 47 -5.33 5.77 23.47
N ILE D 48 -6.57 5.37 23.24
CA ILE D 48 -7.54 5.26 24.31
C ILE D 48 -8.01 3.81 24.35
N PRO D 49 -8.64 3.39 25.44
CA PRO D 49 -9.07 1.99 25.57
C PRO D 49 -10.23 1.68 24.65
N GLN D 50 -10.42 0.38 24.41
CA GLN D 50 -11.45 -0.09 23.50
C GLN D 50 -12.80 0.52 23.87
N ALA D 51 -13.54 0.93 22.84
CA ALA D 51 -14.85 1.54 23.01
C ALA D 51 -15.79 0.63 23.80
N SER D 54 -19.69 5.69 28.18
CA SER D 54 -18.29 5.86 28.59
C SER D 54 -17.39 5.88 27.37
N PHE D 55 -17.89 5.30 26.28
CA PHE D 55 -17.22 5.40 24.99
C PHE D 55 -16.92 6.86 24.65
N SER D 56 -17.93 7.73 24.75
CA SER D 56 -17.73 9.13 24.42
C SER D 56 -16.87 9.84 25.45
N ASP D 57 -16.98 9.47 26.75
CA ASP D 57 -16.17 10.10 27.78
C ASP D 57 -14.67 9.80 27.60
N SER D 58 -14.33 8.56 27.25
CA SER D 58 -12.94 8.25 26.98
C SER D 58 -12.44 8.98 25.73
N LEU D 59 -13.24 9.06 24.68
CA LEU D 59 -12.80 9.78 23.48
C LEU D 59 -12.64 11.29 23.77
N ARG D 60 -13.55 11.85 24.54
CA ARG D 60 -13.44 13.26 24.87
C ARG D 60 -12.18 13.52 25.67
N LEU D 61 -11.84 12.60 26.59
CA LEU D 61 -10.60 12.73 27.37
C LEU D 61 -9.38 12.69 26.48
N GLY D 62 -9.40 11.85 25.44
CA GLY D 62 -8.32 11.82 24.47
C GLY D 62 -8.13 13.13 23.73
N TYR D 63 -9.24 13.74 23.30
CA TYR D 63 -9.19 15.07 22.69
C TYR D 63 -8.56 16.10 23.63
N GLU D 64 -9.08 16.17 24.87
CA GLU D 64 -8.65 17.17 25.85
C GLU D 64 -7.19 16.99 26.24
N ARG D 65 -6.73 15.73 26.39
CA ARG D 65 -5.33 15.52 26.71
C ARG D 65 -4.46 15.87 25.50
N GLY D 66 -4.95 15.63 24.30
CA GLY D 66 -4.20 16.04 23.13
C GLY D 66 -4.05 17.54 23.05
N ILE D 67 -5.09 18.27 23.42
CA ILE D 67 -5.05 19.73 23.46
C ILE D 67 -3.98 20.18 24.43
N ILE D 68 -3.97 19.56 25.64
CA ILE D 68 -3.02 19.95 26.68
C ILE D 68 -1.60 19.68 26.22
N LEU D 69 -1.40 18.52 25.62
CA LEU D 69 -0.07 18.12 25.17
C LEU D 69 0.43 19.06 24.09
N LYS D 71 -0.50 22.09 23.67
CA LYS D 71 -0.17 23.38 24.26
C LYS D 71 1.18 23.31 24.96
N GLU D 72 1.46 22.19 25.63
CA GLU D 72 2.74 22.03 26.32
C GLU D 72 3.90 22.10 25.34
N ILE D 73 3.82 21.31 24.25
CA ILE D 73 4.92 21.29 23.31
C ILE D 73 5.14 22.66 22.70
N LYS D 74 4.06 23.37 22.37
CA LYS D 74 4.14 24.65 21.69
C LYS D 74 4.68 25.74 22.59
N LYS D 75 4.66 25.51 23.92
CA LYS D 75 5.33 26.42 24.86
C LYS D 75 6.83 26.48 24.59
N ILE D 76 7.41 25.33 24.21
CA ILE D 76 8.85 25.27 23.97
C ILE D 76 9.19 25.60 22.54
N TYR D 77 8.46 24.98 21.59
CA TYR D 77 8.66 25.15 20.15
C TYR D 77 7.34 25.58 19.54
N PRO D 78 7.04 26.89 19.51
CA PRO D 78 5.75 27.36 18.95
C PRO D 78 5.54 27.06 17.48
N ASP D 79 6.61 26.88 16.69
CA ASP D 79 6.48 26.51 15.28
C ASP D 79 6.69 25.02 15.05
N VAL D 80 6.59 24.19 16.10
CA VAL D 80 6.70 22.75 15.92
C VAL D 80 5.67 22.25 14.90
N VAL D 81 6.08 21.31 14.06
CA VAL D 81 5.17 20.55 13.20
C VAL D 81 4.72 19.28 13.92
N ILE D 82 3.42 19.18 14.10
CA ILE D 82 2.78 18.04 14.75
C ILE D 82 1.73 17.44 13.80
N ASP D 83 1.69 16.10 13.76
CA ASP D 83 0.56 15.35 13.27
C ASP D 83 0.03 14.55 14.44
N SER D 85 -3.13 12.05 16.06
CA SER D 85 -4.34 11.23 15.87
C SER D 85 -4.85 10.74 17.22
N VAL D 86 -6.11 10.34 17.26
CA VAL D 86 -6.73 9.63 18.38
C VAL D 86 -7.36 8.35 17.86
N ASN D 87 -7.09 7.24 18.54
CA ASN D 87 -7.56 5.93 18.10
C ASN D 87 -7.73 5.04 19.30
N SER D 88 -8.67 4.12 19.21
CA SER D 88 -8.84 3.09 20.22
C SER D 88 -7.87 1.93 20.00
N ALA D 89 -7.31 1.42 21.10
CA ALA D 89 -6.52 0.20 21.05
C ALA D 89 -7.44 -1.02 20.98
N ALA D 90 -6.86 -2.14 20.56
CA ALA D 90 -7.62 -3.39 20.52
C ALA D 90 -7.96 -3.87 21.92
N SER D 91 -6.97 -3.89 22.81
CA SER D 91 -7.16 -4.35 24.18
C SER D 91 -5.98 -3.80 24.98
N SER D 92 -6.22 -2.71 25.69
CA SER D 92 -5.15 -2.12 26.50
C SER D 92 -5.68 -1.82 27.90
N THR D 93 -6.83 -1.15 27.98
CA THR D 93 -7.38 -0.58 29.21
C THR D 93 -6.56 0.64 29.66
N THR D 94 -5.46 0.95 28.99
CA THR D 94 -4.66 2.13 29.30
C THR D 94 -4.89 3.21 28.26
N SER D 95 -4.72 4.45 28.68
CA SER D 95 -4.74 5.60 27.80
C SER D 95 -3.34 6.16 27.79
N LYS D 96 -2.85 6.53 26.62
CA LYS D 96 -1.46 6.96 26.52
C LYS D 96 -1.35 7.93 25.36
N ALA D 97 -0.28 8.72 25.40
CA ALA D 97 0.18 9.52 24.27
C ALA D 97 1.59 9.02 23.90
N ILE D 98 1.80 8.67 22.63
CA ILE D 98 3.11 8.30 22.13
C ILE D 98 3.59 9.39 21.19
N ILE D 99 4.73 10.00 21.49
CA ILE D 99 5.35 11.01 20.63
C ILE D 99 6.56 10.40 19.95
N THR D 100 6.55 10.40 18.62
CA THR D 100 7.66 9.92 17.83
C THR D 100 8.25 11.05 17.02
N THR D 101 9.58 11.13 17.00
CA THR D 101 10.26 12.16 16.22
C THR D 101 10.39 11.75 14.75
N ILE D 102 10.24 12.73 13.87
CA ILE D 102 10.62 12.61 12.46
C ILE D 102 11.65 13.69 12.19
N ASN D 103 12.89 13.28 11.89
CA ASN D 103 13.96 14.26 11.75
C ASN D 103 13.84 14.93 10.39
N LYS D 104 13.75 16.25 10.41
CA LYS D 104 13.40 17.07 9.27
C LYS D 104 14.57 17.24 8.30
N LYS E 1 11.62 24.59 -13.18
CA LYS E 1 12.72 23.71 -12.83
C LYS E 1 12.30 22.24 -13.06
N THR E 2 11.25 21.80 -12.35
CA THR E 2 10.68 20.48 -12.60
C THR E 2 10.39 20.32 -14.09
N ASP E 3 10.75 19.17 -14.64
CA ASP E 3 10.70 18.95 -16.08
C ASP E 3 9.77 17.79 -16.40
N ILE E 4 8.93 17.98 -17.41
CA ILE E 4 8.05 16.93 -17.93
C ILE E 4 8.43 16.63 -19.37
N THR E 5 8.71 15.36 -19.67
CA THR E 5 8.92 14.91 -21.03
C THR E 5 8.16 13.61 -21.27
N SER E 6 7.71 13.44 -22.51
CA SER E 6 6.81 12.32 -22.78
C SER E 6 6.94 11.87 -24.21
N THR E 7 6.61 10.61 -24.42
CA THR E 7 6.41 10.01 -25.72
C THR E 7 4.99 9.46 -25.74
N LYS E 8 4.67 8.71 -26.80
CA LYS E 8 3.33 8.18 -26.97
C LYS E 8 2.85 7.51 -25.68
N ASN E 9 3.68 6.64 -25.09
CA ASN E 9 3.22 5.74 -24.03
C ASN E 9 3.99 5.90 -22.72
N GLU E 10 4.76 6.98 -22.56
CA GLU E 10 5.53 7.19 -21.35
C GLU E 10 5.61 8.68 -21.11
N LEU E 11 5.32 9.07 -19.86
CA LEU E 11 5.49 10.44 -19.39
C LEU E 11 6.40 10.41 -18.18
N VAL E 12 7.42 11.27 -18.20
CA VAL E 12 8.44 11.29 -17.17
C VAL E 12 8.49 12.69 -16.55
N ILE E 13 8.21 12.77 -15.24
CA ILE E 13 8.38 14.00 -14.48
C ILE E 13 9.66 13.89 -13.67
N THR E 14 10.56 14.85 -13.87
CA THR E 14 11.78 14.94 -13.09
C THR E 14 11.64 16.13 -12.13
N TYR E 15 11.60 15.84 -10.84
CA TYR E 15 11.34 16.90 -9.86
C TYR E 15 12.62 17.62 -9.46
N HIS E 16 12.49 18.92 -9.25
CA HIS E 16 13.53 19.77 -8.72
C HIS E 16 12.91 20.73 -7.72
N GLY E 17 13.57 20.93 -6.60
CA GLY E 17 13.10 21.89 -5.62
C GLY E 17 12.18 21.27 -4.58
N ARG E 18 11.41 22.15 -3.95
CA ARG E 18 10.54 21.80 -2.83
C ARG E 18 9.26 21.15 -3.33
N LEU E 19 8.43 20.71 -2.38
CA LEU E 19 7.13 20.19 -2.76
C LEU E 19 6.34 21.29 -3.43
N ARG E 20 5.90 21.03 -4.65
CA ARG E 20 5.19 22.05 -5.42
C ARG E 20 3.90 21.50 -5.99
N SER E 21 2.95 22.41 -6.13
CA SER E 21 1.86 22.20 -7.05
C SER E 21 2.44 22.24 -8.45
N PHE E 22 1.73 21.63 -9.40
CA PHE E 22 2.16 21.76 -10.78
C PHE E 22 1.88 23.15 -11.30
N SER E 23 2.84 23.67 -12.07
CA SER E 23 2.66 24.96 -12.75
C SER E 23 1.54 24.84 -13.77
N GLU E 24 1.07 25.99 -14.24
CA GLU E 24 0.06 25.96 -15.29
C GLU E 24 0.58 25.27 -16.54
N GLU E 25 1.87 25.42 -16.84
CA GLU E 25 2.41 24.77 -18.02
C GLU E 25 2.48 23.26 -17.83
N ASP E 26 2.83 22.81 -16.63
CA ASP E 26 2.91 21.37 -16.38
C ASP E 26 1.52 20.76 -16.41
N THR E 27 0.51 21.48 -15.92
CA THR E 27 -0.85 20.97 -16.04
C THR E 27 -1.24 20.77 -17.49
N TYR E 28 -0.84 21.70 -18.36
CA TYR E 28 -1.18 21.56 -19.77
C TYR E 28 -0.49 20.34 -20.39
N LYS E 29 0.80 20.15 -20.08
CA LYS E 29 1.55 19.01 -20.63
C LYS E 29 0.90 17.71 -20.23
N ILE E 30 0.59 17.56 -18.95
CA ILE E 30 -0.01 16.30 -18.49
C ILE E 30 -1.38 16.13 -19.13
N LYS E 31 -2.13 17.22 -19.24
CA LYS E 31 -3.42 17.13 -19.92
C LYS E 31 -3.26 16.77 -21.40
N ALA E 32 -2.29 17.39 -22.09
CA ALA E 32 -2.08 17.09 -23.50
C ALA E 32 -1.71 15.62 -23.71
N TRP E 33 -0.90 15.07 -22.80
CA TRP E 33 -0.47 13.69 -22.93
C TRP E 33 -1.62 12.71 -22.71
N LEU E 34 -2.53 13.06 -21.81
CA LEU E 34 -3.65 12.20 -21.48
C LEU E 34 -4.79 12.24 -22.50
N GLU E 35 -4.81 13.24 -23.38
CA GLU E 35 -5.98 13.44 -24.23
C GLU E 35 -6.34 12.19 -25.01
N ASP E 36 -5.34 11.45 -25.50
CA ASP E 36 -5.59 10.23 -26.26
C ASP E 36 -5.53 8.96 -25.41
N LYS E 37 -5.63 9.07 -24.07
CA LYS E 37 -5.33 7.94 -23.20
C LYS E 37 -6.57 7.37 -22.50
N ILE E 38 -7.78 7.66 -23.02
CA ILE E 38 -9.01 7.18 -22.37
C ILE E 38 -8.97 5.68 -22.12
N ASN E 39 -8.41 4.90 -23.06
CA ASN E 39 -8.43 3.44 -22.98
C ASN E 39 -7.13 2.86 -22.41
N SER E 40 -6.40 3.63 -21.61
CA SER E 40 -5.13 3.19 -21.03
C SER E 40 -5.24 3.20 -19.52
N ASN E 41 -4.90 2.07 -18.91
CA ASN E 41 -4.51 2.10 -17.51
C ASN E 41 -3.11 2.65 -17.36
N LEU E 42 -2.77 3.01 -16.14
CA LEU E 42 -1.53 3.73 -15.88
C LEU E 42 -0.75 3.06 -14.79
N LEU E 43 0.50 2.77 -15.10
CA LEU E 43 1.44 2.24 -14.13
C LEU E 43 2.34 3.42 -13.73
N ILE E 44 2.30 3.83 -12.47
CA ILE E 44 3.07 4.98 -12.03
C ILE E 44 4.15 4.50 -11.06
N GLU E 45 5.38 4.94 -11.32
CA GLU E 45 6.50 4.69 -10.44
C GLU E 45 7.00 6.00 -9.90
N VAL E 47 9.98 7.42 -8.05
CA VAL E 47 11.35 7.00 -7.75
C VAL E 47 12.06 8.11 -6.98
N ILE E 48 12.62 7.76 -5.83
CA ILE E 48 13.27 8.77 -4.99
C ILE E 48 14.74 8.36 -4.85
N PRO E 49 15.63 9.20 -4.35
CA PRO E 49 17.03 8.80 -4.20
C PRO E 49 17.24 7.90 -2.98
N GLN E 50 18.39 7.25 -2.94
CA GLN E 50 18.72 6.43 -1.77
C GLN E 50 19.07 7.31 -0.58
N ALA E 51 18.90 6.75 0.61
CA ALA E 51 19.16 7.48 1.86
C ALA E 51 20.47 8.26 1.82
N SER E 56 13.73 9.95 5.85
CA SER E 56 12.26 10.00 5.85
C SER E 56 11.66 11.20 5.08
N ASP E 57 12.42 12.29 4.95
CA ASP E 57 11.92 13.47 4.24
C ASP E 57 11.68 13.15 2.75
N SER E 58 12.66 12.49 2.12
CA SER E 58 12.54 12.16 0.71
C SER E 58 11.36 11.22 0.46
N LEU E 59 11.21 10.23 1.32
CA LEU E 59 10.09 9.32 1.22
C LEU E 59 8.76 10.07 1.30
N ARG E 60 8.67 10.99 2.26
CA ARG E 60 7.45 11.77 2.45
C ARG E 60 7.17 12.61 1.23
N LEU E 61 8.20 13.24 0.68
CA LEU E 61 8.04 14.00 -0.56
C LEU E 61 7.54 13.12 -1.71
N GLY E 62 8.01 11.87 -1.78
CA GLY E 62 7.53 10.96 -2.81
C GLY E 62 6.05 10.64 -2.65
N TYR E 63 5.60 10.39 -1.42
CA TYR E 63 4.18 10.20 -1.13
C TYR E 63 3.37 11.41 -1.57
N GLU E 64 3.81 12.61 -1.17
CA GLU E 64 3.06 13.84 -1.44
C GLU E 64 3.01 14.14 -2.92
N ARG E 65 4.09 13.84 -3.66
CA ARG E 65 4.06 14.10 -5.10
C ARG E 65 3.19 13.07 -5.78
N GLY E 66 3.19 11.83 -5.28
CA GLY E 66 2.27 10.86 -5.79
C GLY E 66 0.83 11.30 -5.61
N ILE E 67 0.52 11.89 -4.46
CA ILE E 67 -0.84 12.38 -4.19
C ILE E 67 -1.22 13.47 -5.18
N ILE E 68 -0.33 14.43 -5.37
CA ILE E 68 -0.61 15.50 -6.33
C ILE E 68 -0.84 14.93 -7.73
N LEU E 69 -0.05 13.96 -8.12
CA LEU E 69 -0.09 13.46 -9.49
C LEU E 69 -1.37 12.66 -9.72
N LYS E 71 -4.13 13.19 -8.15
CA LYS E 71 -5.20 14.18 -8.23
C LYS E 71 -5.24 14.80 -9.60
N GLU E 72 -4.06 15.08 -10.15
CA GLU E 72 -4.00 15.74 -11.45
C GLU E 72 -4.58 14.84 -12.54
N ILE E 73 -4.17 13.57 -12.56
CA ILE E 73 -4.70 12.65 -13.56
C ILE E 73 -6.20 12.46 -13.38
N LYS E 74 -6.65 12.39 -12.13
CA LYS E 74 -8.05 12.12 -11.85
C LYS E 74 -8.96 13.28 -12.27
N LYS E 75 -8.42 14.50 -12.38
CA LYS E 75 -9.21 15.64 -12.88
C LYS E 75 -9.65 15.41 -14.32
N ILE E 76 -8.85 14.71 -15.10
CA ILE E 76 -9.18 14.46 -16.49
C ILE E 76 -9.94 13.15 -16.66
N TYR E 77 -9.45 12.06 -16.04
CA TYR E 77 -10.08 10.74 -16.10
C TYR E 77 -10.41 10.29 -14.69
N PRO E 78 -11.58 10.66 -14.15
CA PRO E 78 -11.92 10.28 -12.79
C PRO E 78 -11.90 8.77 -12.53
N ASP E 79 -12.26 7.96 -13.53
CA ASP E 79 -12.31 6.51 -13.37
C ASP E 79 -11.03 5.80 -13.83
N VAL E 80 -9.95 6.56 -14.07
CA VAL E 80 -8.67 5.96 -14.45
C VAL E 80 -8.26 4.88 -13.45
N VAL E 81 -7.76 3.77 -13.98
CA VAL E 81 -7.13 2.71 -13.19
C VAL E 81 -5.63 3.03 -13.10
N ILE E 82 -5.15 3.22 -11.88
CA ILE E 82 -3.76 3.51 -11.56
C ILE E 82 -3.22 2.41 -10.66
N ASP E 83 -1.98 2.00 -10.92
CA ASP E 83 -1.16 1.25 -9.97
C ASP E 83 0.04 2.13 -9.69
N SER E 85 3.57 2.99 -7.27
CA SER E 85 4.56 2.54 -6.32
C SER E 85 5.51 3.67 -5.94
N VAL E 86 6.19 3.49 -4.81
CA VAL E 86 7.29 4.35 -4.40
C VAL E 86 8.50 3.50 -4.02
N ASN E 87 9.64 3.80 -4.63
CA ASN E 87 10.87 3.05 -4.40
C ASN E 87 12.08 3.96 -4.45
N SER E 88 13.14 3.55 -3.76
CA SER E 88 14.44 4.18 -3.92
C SER E 88 15.22 3.62 -5.09
N ALA E 89 15.90 4.50 -5.78
CA ALA E 89 16.76 4.13 -6.88
C ALA E 89 18.13 3.79 -6.35
N ALA E 90 18.80 2.85 -7.02
CA ALA E 90 20.14 2.47 -6.62
C ALA E 90 21.03 3.69 -6.47
N SER E 91 20.95 4.61 -7.43
CA SER E 91 21.75 5.82 -7.39
C SER E 91 21.35 6.74 -8.53
N SER E 92 20.58 7.77 -8.20
CA SER E 92 20.17 8.78 -9.19
C SER E 92 20.27 10.22 -8.69
N THR E 93 20.11 10.50 -7.39
CA THR E 93 20.05 11.88 -6.88
C THR E 93 18.91 12.66 -7.50
N THR E 94 18.07 12.02 -8.30
CA THR E 94 16.91 12.63 -8.92
C THR E 94 15.67 12.00 -8.31
N SER E 95 14.68 12.81 -8.03
CA SER E 95 13.34 12.32 -7.77
C SER E 95 12.59 12.46 -9.06
N LYS E 96 11.82 11.44 -9.40
CA LYS E 96 11.10 11.49 -10.67
C LYS E 96 9.83 10.66 -10.53
N ALA E 97 8.91 10.88 -11.46
CA ALA E 97 7.72 10.06 -11.60
C ALA E 97 7.68 9.58 -13.05
N ILE E 98 7.57 8.25 -13.24
CA ILE E 98 7.41 7.66 -14.56
C ILE E 98 6.00 7.10 -14.66
N ILE E 99 5.27 7.50 -15.72
CA ILE E 99 3.95 6.95 -16.04
C ILE E 99 4.07 6.12 -17.31
N THR E 100 3.71 4.84 -17.21
CA THR E 100 3.63 3.94 -18.36
C THR E 100 2.19 3.56 -18.65
N THR E 101 1.83 3.51 -19.93
CA THR E 101 0.48 3.11 -20.29
C THR E 101 0.39 1.59 -20.35
N ILE E 102 -0.74 1.04 -19.91
CA ILE E 102 -1.15 -0.32 -20.23
C ILE E 102 -2.50 -0.21 -20.94
N ASN E 103 -2.53 -0.57 -22.21
CA ASN E 103 -3.75 -0.33 -22.95
C ASN E 103 -4.75 -1.45 -22.67
N LYS E 104 -6.03 -1.10 -22.75
CA LYS E 104 -7.06 -1.88 -22.12
C LYS E 104 -8.01 -2.49 -23.15
N LYS F 1 -19.99 -21.35 -16.60
CA LYS F 1 -19.28 -21.53 -17.87
C LYS F 1 -17.91 -22.15 -17.61
N THR F 2 -17.07 -21.50 -16.79
CA THR F 2 -15.81 -22.12 -16.40
C THR F 2 -16.05 -23.53 -15.91
N ASP F 3 -15.31 -24.48 -16.48
CA ASP F 3 -15.54 -25.92 -16.30
C ASP F 3 -14.30 -26.54 -15.67
N ILE F 4 -14.52 -27.47 -14.75
CA ILE F 4 -13.44 -28.26 -14.17
C ILE F 4 -13.69 -29.72 -14.51
N THR F 5 -12.63 -30.38 -14.99
CA THR F 5 -12.61 -31.79 -15.31
C THR F 5 -11.34 -32.38 -14.72
N SER F 6 -11.36 -33.66 -14.34
CA SER F 6 -10.21 -34.19 -13.64
C SER F 6 -10.17 -35.70 -13.78
N THR F 7 -8.95 -36.24 -13.69
CA THR F 7 -8.72 -37.68 -13.57
C THR F 7 -7.83 -37.91 -12.35
N LYS F 8 -7.34 -39.12 -12.15
CA LYS F 8 -6.65 -39.37 -10.88
C LYS F 8 -5.46 -38.45 -10.71
N ASN F 9 -4.77 -38.10 -11.80
CA ASN F 9 -3.56 -37.29 -11.66
C ASN F 9 -3.56 -36.00 -12.47
N GLU F 10 -4.68 -35.65 -13.12
CA GLU F 10 -4.73 -34.39 -13.85
C GLU F 10 -6.06 -33.70 -13.55
N LEU F 11 -5.99 -32.40 -13.29
CA LEU F 11 -7.18 -31.56 -13.13
C LEU F 11 -7.05 -30.40 -14.10
N VAL F 12 -8.10 -30.16 -14.88
CA VAL F 12 -8.09 -29.10 -15.88
C VAL F 12 -9.21 -28.10 -15.59
N ILE F 13 -8.85 -26.82 -15.57
CA ILE F 13 -9.81 -25.72 -15.51
C ILE F 13 -9.81 -25.01 -16.87
N THR F 14 -10.98 -24.97 -17.50
CA THR F 14 -11.19 -24.21 -18.74
C THR F 14 -11.97 -22.95 -18.37
N TYR F 15 -11.35 -21.79 -18.50
CA TYR F 15 -11.97 -20.54 -18.10
C TYR F 15 -12.84 -19.97 -19.21
N HIS F 16 -13.93 -19.36 -18.81
CA HIS F 16 -14.80 -18.64 -19.72
C HIS F 16 -15.27 -17.37 -19.02
N GLY F 17 -15.12 -16.24 -19.70
CA GLY F 17 -15.64 -14.98 -19.21
C GLY F 17 -14.60 -14.18 -18.46
N ARG F 18 -15.07 -13.33 -17.55
CA ARG F 18 -14.22 -12.41 -16.84
C ARG F 18 -13.47 -13.10 -15.69
N LEU F 19 -12.56 -12.36 -15.07
CA LEU F 19 -11.90 -12.85 -13.86
C LEU F 19 -12.95 -13.02 -12.77
N ARG F 20 -12.95 -14.19 -12.13
CA ARG F 20 -13.95 -14.50 -11.12
C ARG F 20 -13.36 -15.45 -10.09
N SER F 21 -13.89 -15.39 -8.87
CA SER F 21 -13.53 -16.38 -7.89
C SER F 21 -14.18 -17.70 -8.24
N PHE F 22 -13.65 -18.77 -7.66
CA PHE F 22 -14.28 -20.07 -7.83
C PHE F 22 -15.65 -20.09 -7.17
N SER F 23 -16.63 -20.61 -7.89
CA SER F 23 -17.91 -20.92 -7.29
C SER F 23 -17.74 -22.01 -6.25
N GLU F 24 -18.71 -22.09 -5.34
CA GLU F 24 -18.68 -23.13 -4.32
C GLU F 24 -18.61 -24.52 -4.94
N GLU F 25 -19.26 -24.72 -6.09
CA GLU F 25 -19.19 -26.01 -6.77
C GLU F 25 -17.78 -26.25 -7.30
N ASP F 26 -17.11 -25.20 -7.79
CA ASP F 26 -15.72 -25.33 -8.25
C ASP F 26 -14.79 -25.65 -7.10
N THR F 27 -15.04 -25.06 -5.94
CA THR F 27 -14.20 -25.35 -4.78
C THR F 27 -14.41 -26.79 -4.29
N TYR F 28 -15.66 -27.28 -4.33
CA TYR F 28 -15.88 -28.67 -3.95
C TYR F 28 -15.06 -29.61 -4.84
N LYS F 29 -15.18 -29.44 -6.16
CA LYS F 29 -14.41 -30.27 -7.09
C LYS F 29 -12.92 -30.22 -6.77
N ILE F 30 -12.38 -29.02 -6.56
CA ILE F 30 -10.95 -28.91 -6.32
C ILE F 30 -10.60 -29.58 -5.00
N LYS F 31 -11.45 -29.39 -3.99
CA LYS F 31 -11.21 -30.02 -2.70
C LYS F 31 -11.25 -31.54 -2.79
N ALA F 32 -12.24 -32.08 -3.49
CA ALA F 32 -12.34 -33.53 -3.61
C ALA F 32 -11.20 -34.11 -4.45
N TRP F 33 -10.75 -33.36 -5.46
CA TRP F 33 -9.62 -33.84 -6.25
C TRP F 33 -8.36 -33.94 -5.41
N LEU F 34 -8.15 -32.98 -4.49
CA LEU F 34 -6.95 -32.98 -3.68
C LEU F 34 -7.01 -33.95 -2.52
N GLU F 35 -8.19 -34.54 -2.24
CA GLU F 35 -8.39 -35.25 -0.99
C GLU F 35 -7.32 -36.31 -0.78
N ASP F 36 -6.92 -37.00 -1.85
CA ASP F 36 -5.95 -38.08 -1.78
C ASP F 36 -4.54 -37.66 -2.22
N LYS F 37 -4.27 -36.36 -2.32
CA LYS F 37 -3.04 -35.89 -2.94
C LYS F 37 -2.05 -35.32 -1.93
N ILE F 38 -2.12 -35.76 -0.67
CA ILE F 38 -1.25 -35.19 0.34
C ILE F 38 0.22 -35.44 0.01
N ASN F 39 0.53 -36.60 -0.57
CA ASN F 39 1.91 -36.94 -0.93
C ASN F 39 2.23 -36.60 -2.39
N SER F 40 1.58 -35.58 -2.93
CA SER F 40 1.73 -35.18 -4.30
C SER F 40 2.16 -33.73 -4.36
N ASN F 41 3.25 -33.46 -5.06
CA ASN F 41 3.53 -32.12 -5.54
C ASN F 41 2.71 -31.82 -6.78
N LEU F 42 2.62 -30.53 -7.11
CA LEU F 42 1.72 -30.08 -8.17
C LEU F 42 2.49 -29.29 -9.21
N LEU F 43 2.34 -29.68 -10.47
CA LEU F 43 2.82 -28.91 -11.61
C LEU F 43 1.63 -28.21 -12.23
N ILE F 44 1.61 -26.87 -12.20
CA ILE F 44 0.52 -26.07 -12.71
C ILE F 44 1.00 -25.30 -13.95
N GLU F 45 0.25 -25.44 -15.04
CA GLU F 45 0.41 -24.68 -16.27
C GLU F 45 -0.79 -23.76 -16.42
N VAL F 47 -2.22 -21.55 -19.15
CA VAL F 47 -2.05 -21.38 -20.58
C VAL F 47 -3.08 -20.36 -21.05
N ILE F 48 -2.61 -19.36 -21.79
CA ILE F 48 -3.45 -18.26 -22.26
C ILE F 48 -3.36 -18.25 -23.78
N PRO F 49 -4.28 -17.56 -24.46
CA PRO F 49 -4.24 -17.51 -25.94
C PRO F 49 -3.05 -16.71 -26.45
N GLN F 50 -2.84 -16.78 -27.76
CA GLN F 50 -1.69 -16.12 -28.39
C GLN F 50 -1.81 -14.60 -28.33
N ALA F 51 -2.99 -14.07 -28.66
CA ALA F 51 -3.30 -12.63 -28.58
C ALA F 51 -2.56 -11.78 -29.61
N SER F 56 -1.81 -7.44 -23.20
CA SER F 56 -1.40 -7.47 -21.80
C SER F 56 -2.54 -7.95 -20.90
N ASP F 57 -3.77 -7.75 -21.37
CA ASP F 57 -4.94 -8.13 -20.59
C ASP F 57 -4.99 -9.65 -20.37
N SER F 58 -4.80 -10.43 -21.44
CA SER F 58 -4.76 -11.89 -21.30
C SER F 58 -3.65 -12.32 -20.35
N LEU F 59 -2.47 -11.72 -20.45
CA LEU F 59 -1.41 -12.15 -19.56
C LEU F 59 -1.74 -11.81 -18.10
N ARG F 60 -2.25 -10.58 -17.85
CA ARG F 60 -2.61 -10.19 -16.48
C ARG F 60 -3.65 -11.13 -15.93
N LEU F 61 -4.62 -11.53 -16.78
CA LEU F 61 -5.67 -12.44 -16.35
C LEU F 61 -5.09 -13.79 -15.97
N GLY F 62 -4.09 -14.25 -16.71
CA GLY F 62 -3.37 -15.46 -16.33
C GLY F 62 -2.69 -15.34 -14.97
N TYR F 63 -2.00 -14.22 -14.72
CA TYR F 63 -1.38 -13.99 -13.42
C TYR F 63 -2.42 -14.04 -12.30
N GLU F 64 -3.52 -13.29 -12.46
CA GLU F 64 -4.57 -13.22 -11.45
C GLU F 64 -5.24 -14.57 -11.20
N ARG F 65 -5.52 -15.34 -12.27
CA ARG F 65 -6.13 -16.65 -12.05
C ARG F 65 -5.16 -17.61 -11.40
N GLY F 66 -3.87 -17.49 -11.75
CA GLY F 66 -2.86 -18.26 -11.05
C GLY F 66 -2.84 -18.00 -9.55
N ILE F 67 -3.02 -16.73 -9.16
CA ILE F 67 -3.04 -16.32 -7.76
C ILE F 67 -4.21 -16.94 -7.05
N ILE F 68 -5.41 -16.86 -7.66
CA ILE F 68 -6.64 -17.44 -7.10
C ILE F 68 -6.50 -18.95 -6.92
N LEU F 69 -5.95 -19.63 -7.92
CA LEU F 69 -5.83 -21.08 -7.85
C LEU F 69 -4.84 -21.48 -6.75
N LYS F 71 -4.21 -19.73 -4.08
CA LYS F 71 -4.91 -19.52 -2.82
C LYS F 71 -5.87 -20.66 -2.54
N GLU F 72 -6.59 -21.13 -3.56
CA GLU F 72 -7.58 -22.19 -3.39
C GLU F 72 -6.92 -23.49 -2.95
N ILE F 73 -5.82 -23.87 -3.60
CA ILE F 73 -5.12 -25.10 -3.23
C ILE F 73 -4.56 -24.98 -1.82
N LYS F 74 -3.95 -23.84 -1.51
CA LYS F 74 -3.29 -23.65 -0.22
C LYS F 74 -4.26 -23.62 0.96
N LYS F 75 -5.56 -23.33 0.73
CA LYS F 75 -6.59 -23.52 1.74
C LYS F 75 -6.71 -24.97 2.18
N ILE F 76 -6.44 -25.91 1.28
CA ILE F 76 -6.59 -27.32 1.61
C ILE F 76 -5.27 -27.91 2.12
N TYR F 77 -4.18 -27.67 1.38
CA TYR F 77 -2.83 -28.14 1.73
C TYR F 77 -1.92 -26.92 1.83
N PRO F 78 -1.82 -26.31 3.00
CA PRO F 78 -1.05 -25.06 3.12
C PRO F 78 0.40 -25.22 2.76
N ASP F 79 0.96 -26.42 2.96
CA ASP F 79 2.36 -26.72 2.70
C ASP F 79 2.57 -27.38 1.36
N VAL F 80 1.58 -27.31 0.45
CA VAL F 80 1.71 -27.95 -0.85
C VAL F 80 2.91 -27.37 -1.60
N VAL F 81 3.58 -28.22 -2.37
CA VAL F 81 4.66 -27.79 -3.24
C VAL F 81 4.08 -27.59 -4.63
N ILE F 82 4.25 -26.38 -5.16
CA ILE F 82 3.67 -25.95 -6.42
C ILE F 82 4.78 -25.36 -7.26
N ASP F 83 4.89 -25.81 -8.50
CA ASP F 83 5.62 -25.16 -9.56
C ASP F 83 4.62 -24.67 -10.58
N SER F 85 3.71 -22.07 -14.01
CA SER F 85 4.11 -21.21 -15.11
C SER F 85 2.91 -20.61 -15.85
N VAL F 86 3.19 -19.55 -16.62
CA VAL F 86 2.24 -18.90 -17.50
C VAL F 86 2.88 -18.83 -18.89
N ASN F 87 2.15 -19.31 -19.90
CA ASN F 87 2.63 -19.36 -21.28
C ASN F 87 1.48 -19.18 -22.27
N SER F 88 1.78 -18.59 -23.43
CA SER F 88 0.83 -18.49 -24.52
C SER F 88 0.80 -19.79 -25.32
N ALA F 89 -0.41 -20.29 -25.58
CA ALA F 89 -0.59 -21.43 -26.47
C ALA F 89 -0.38 -20.98 -27.91
N ALA F 90 -0.05 -21.96 -28.75
CA ALA F 90 0.21 -21.67 -30.15
C ALA F 90 -1.08 -21.23 -30.85
N SER F 91 -2.18 -21.95 -30.62
CA SER F 91 -3.43 -21.64 -31.30
C SER F 91 -4.66 -21.67 -30.42
N SER F 92 -4.63 -22.33 -29.26
CA SER F 92 -5.80 -22.38 -28.39
C SER F 92 -6.34 -20.98 -28.14
N THR F 93 -7.62 -20.78 -28.44
CA THR F 93 -8.33 -19.57 -28.04
C THR F 93 -8.90 -19.68 -26.63
N THR F 94 -8.63 -20.79 -25.93
CA THR F 94 -9.11 -21.01 -24.58
C THR F 94 -8.04 -20.60 -23.57
N SER F 95 -8.47 -20.31 -22.37
CA SER F 95 -7.56 -20.12 -21.25
C SER F 95 -7.80 -21.27 -20.30
N LYS F 96 -6.72 -21.86 -19.80
CA LYS F 96 -6.86 -23.06 -19.01
C LYS F 96 -5.76 -23.10 -17.96
N ALA F 97 -6.03 -23.89 -16.91
CA ALA F 97 -5.05 -24.26 -15.91
C ALA F 97 -4.98 -25.79 -15.90
N ILE F 98 -3.78 -26.35 -16.06
CA ILE F 98 -3.60 -27.81 -16.07
C ILE F 98 -2.78 -28.13 -14.83
N ILE F 99 -3.36 -28.84 -13.87
CA ILE F 99 -2.59 -29.30 -12.71
C ILE F 99 -2.20 -30.75 -12.96
N THR F 100 -0.90 -31.05 -12.86
CA THR F 100 -0.40 -32.40 -12.97
C THR F 100 0.23 -32.81 -11.66
N THR F 101 -0.05 -34.02 -11.19
CA THR F 101 0.56 -34.46 -9.95
C THR F 101 1.93 -35.09 -10.20
N ILE F 102 2.87 -34.79 -9.29
CA ILE F 102 4.18 -35.42 -9.22
C ILE F 102 4.33 -36.03 -7.83
N ASN F 103 4.47 -37.34 -7.77
CA ASN F 103 4.56 -37.97 -6.45
C ASN F 103 5.91 -37.71 -5.79
N LYS F 104 5.88 -37.50 -4.49
CA LYS F 104 7.09 -37.39 -3.69
C LYS F 104 7.78 -38.74 -3.55
#